data_5K65
#
_entry.id   5K65
#
_cell.length_a   58.490
_cell.length_b   72.000
_cell.length_c   168.300
_cell.angle_alpha   90.00
_cell.angle_beta   90.00
_cell.angle_gamma   90.00
#
_symmetry.space_group_name_H-M   'P 2 21 21'
#
loop_
_entity.id
_entity.type
_entity.pdbx_description
1 polymer 'Ig gamma-1 chain C region'
2 branched 2-acetamido-2-deoxy-beta-D-glucopyranose-(1-2)-alpha-D-mannopyranose-(1-6)-[alpha-D-mannopyranose-(1-3)]beta-D-mannopyranose-(1-4)-2-acetamido-2-deoxy-beta-D-glucopyranose-(1-4)-[alpha-L-fucopyranose-(1-6)]2-acetamido-2-deoxy-beta-D-glucopyranose
3 branched alpha-D-mannopyranose-(1-3)-[alpha-D-mannopyranose-(1-6)]beta-D-mannopyranose-(1-4)-2-acetamido-2-deoxy-beta-D-glucopyranose-(1-4)-2-acetamido-2-deoxy-beta-D-glucopyranose
4 water water
#
_entity_poly.entity_id   1
_entity_poly.type   'polypeptide(L)'
_entity_poly.pdbx_seq_one_letter_code
;TCPPCPAPELLGGPSVFLFPPKPKDTLMISRTPEVTCVVVDVSHEDPEVKFNWYVDGVEVHNAKTKPREEQYNSTYRVVS
VLTVLHQDWLNGKEYKCKVSNKALPAPIEKTISKAKGQPREPQVYTLPPSRDELRFYQVSLTCLVKGFYPSDIAVEWESN
GQPDIFPNGLNYKTTPPVLDSDGSFFLYSKLTVPYPSWLMGTRFSCSVMHEALHNHYTQKHLEYQWPT
;
_entity_poly.pdbx_strand_id   A,B
#
loop_
_chem_comp.id
_chem_comp.type
_chem_comp.name
_chem_comp.formula
BMA D-saccharide, beta linking beta-D-mannopyranose 'C6 H12 O6'
FUC L-saccharide, alpha linking alpha-L-fucopyranose 'C6 H12 O5'
MAN D-saccharide, alpha linking alpha-D-mannopyranose 'C6 H12 O6'
NAG D-saccharide, beta linking 2-acetamido-2-deoxy-beta-D-glucopyranose 'C8 H15 N O6'
#
# COMPACT_ATOMS: atom_id res chain seq x y z
N GLY A 12 -16.13 27.17 0.26
CA GLY A 12 -17.00 26.11 -0.20
C GLY A 12 -16.72 25.69 -1.63
N GLY A 13 -17.21 24.53 -2.01
CA GLY A 13 -17.04 24.03 -3.36
C GLY A 13 -17.02 22.51 -3.41
N PRO A 14 -17.90 21.91 -4.22
CA PRO A 14 -17.84 20.46 -4.40
C PRO A 14 -16.52 20.00 -5.02
N SER A 15 -16.24 18.71 -4.86
CA SER A 15 -15.07 18.07 -5.45
C SER A 15 -15.50 16.77 -6.11
N VAL A 16 -14.82 16.41 -7.19
CA VAL A 16 -15.15 15.22 -7.97
C VAL A 16 -13.99 14.24 -7.90
N PHE A 17 -14.33 12.95 -7.88
CA PHE A 17 -13.36 11.87 -7.89
C PHE A 17 -13.89 10.78 -8.81
N LEU A 18 -13.11 10.42 -9.82
CA LEU A 18 -13.53 9.44 -10.82
C LEU A 18 -12.70 8.18 -10.64
N PHE A 19 -13.39 7.04 -10.43
CA PHE A 19 -12.74 5.79 -10.07
C PHE A 19 -12.88 4.75 -11.18
N PRO A 20 -11.92 3.84 -11.31
CA PRO A 20 -12.00 2.84 -12.37
C PRO A 20 -12.83 1.65 -11.92
N PRO A 21 -13.16 0.74 -12.84
CA PRO A 21 -13.87 -0.47 -12.44
C PRO A 21 -12.99 -1.40 -11.63
N LYS A 22 -13.62 -2.40 -11.02
CA LYS A 22 -12.86 -3.34 -10.21
C LYS A 22 -12.17 -4.34 -11.12
N PRO A 23 -10.89 -4.66 -10.87
CA PRO A 23 -10.15 -5.54 -11.81
C PRO A 23 -10.89 -6.81 -12.17
N LYS A 24 -11.45 -7.52 -11.20
CA LYS A 24 -12.14 -8.77 -11.51
C LYS A 24 -13.36 -8.53 -12.40
N ASP A 25 -13.99 -7.37 -12.30
CA ASP A 25 -15.18 -7.11 -13.09
C ASP A 25 -14.85 -6.93 -14.57
N THR A 26 -13.72 -6.32 -14.89
CA THR A 26 -13.36 -6.09 -16.29
C THR A 26 -12.80 -7.33 -16.96
N LEU A 27 -12.30 -8.29 -16.19
CA LEU A 27 -11.63 -9.46 -16.74
C LEU A 27 -12.56 -10.65 -16.91
N MET A 28 -13.76 -10.60 -16.36
CA MET A 28 -14.71 -11.70 -16.43
C MET A 28 -15.91 -11.23 -17.23
N ILE A 29 -16.21 -11.93 -18.33
CA ILE A 29 -17.29 -11.51 -19.21
C ILE A 29 -18.64 -11.54 -18.48
N SER A 30 -18.77 -12.43 -17.49
CA SER A 30 -20.04 -12.55 -16.78
C SER A 30 -20.30 -11.38 -15.84
N ARG A 31 -19.29 -10.58 -15.53
CA ARG A 31 -19.43 -9.53 -14.53
C ARG A 31 -19.76 -8.19 -15.19
N THR A 32 -20.24 -7.25 -14.35
CA THR A 32 -20.67 -5.93 -14.79
C THR A 32 -19.68 -4.89 -14.31
N PRO A 33 -18.69 -4.51 -15.12
CA PRO A 33 -17.77 -3.43 -14.73
C PRO A 33 -18.42 -2.07 -14.89
N GLU A 34 -17.96 -1.11 -14.10
CA GLU A 34 -18.55 0.22 -14.15
C GLU A 34 -17.55 1.26 -13.65
N VAL A 35 -17.55 2.41 -14.32
CA VAL A 35 -16.82 3.60 -13.87
C VAL A 35 -17.71 4.39 -12.93
N THR A 36 -17.12 4.94 -11.87
CA THR A 36 -17.88 5.59 -10.82
C THR A 36 -17.40 7.02 -10.64
N CYS A 37 -18.31 7.99 -10.80
CA CYS A 37 -18.00 9.41 -10.63
C CYS A 37 -18.65 9.89 -9.34
N VAL A 38 -17.84 10.21 -8.35
CA VAL A 38 -18.32 10.59 -7.02
C VAL A 38 -18.16 12.09 -6.85
N VAL A 39 -19.17 12.72 -6.26
CA VAL A 39 -19.16 14.14 -5.96
C VAL A 39 -19.32 14.31 -4.46
N VAL A 40 -18.41 15.06 -3.83
CA VAL A 40 -18.42 15.28 -2.40
C VAL A 40 -18.51 16.77 -2.13
N ASP A 41 -18.77 17.12 -0.86
CA ASP A 41 -18.94 18.50 -0.44
C ASP A 41 -20.13 19.15 -1.15
N VAL A 42 -21.19 18.36 -1.37
CA VAL A 42 -22.47 18.89 -1.82
C VAL A 42 -23.27 19.27 -0.58
N SER A 43 -23.78 20.50 -0.56
CA SER A 43 -24.46 21.03 0.61
C SER A 43 -25.96 20.75 0.55
N HIS A 44 -26.64 20.97 1.68
CA HIS A 44 -28.09 20.82 1.69
C HIS A 44 -28.75 21.82 0.76
N GLU A 45 -28.26 23.06 0.76
CA GLU A 45 -28.70 24.03 -0.22
C GLU A 45 -28.03 23.72 -1.55
N ASP A 46 -28.83 23.60 -2.60
CA ASP A 46 -28.34 23.20 -3.90
C ASP A 46 -27.81 21.78 -3.86
N PRO A 47 -28.63 20.78 -3.52
CA PRO A 47 -28.19 19.39 -3.56
C PRO A 47 -28.26 18.77 -4.94
N GLU A 48 -28.78 19.52 -5.92
CA GLU A 48 -28.95 19.00 -7.26
C GLU A 48 -27.60 18.89 -7.95
N VAL A 49 -27.40 17.79 -8.67
CA VAL A 49 -26.15 17.53 -9.38
C VAL A 49 -26.50 16.92 -10.73
N LYS A 50 -25.96 17.49 -11.80
CA LYS A 50 -26.14 16.97 -13.14
C LYS A 50 -24.85 16.33 -13.61
N PHE A 51 -24.98 15.20 -14.31
CA PHE A 51 -23.84 14.45 -14.82
C PHE A 51 -23.96 14.31 -16.33
N ASN A 52 -22.83 14.47 -17.00
CA ASN A 52 -22.71 14.19 -18.43
C ASN A 52 -21.50 13.28 -18.62
N TRP A 53 -21.69 12.21 -19.37
CA TRP A 53 -20.66 11.20 -19.59
C TRP A 53 -20.22 11.21 -21.05
N TYR A 54 -18.92 11.02 -21.27
CA TYR A 54 -18.36 11.05 -22.61
C TYR A 54 -17.34 9.92 -22.73
N VAL A 55 -17.60 9.00 -23.67
CA VAL A 55 -16.68 7.92 -23.99
C VAL A 55 -15.96 8.32 -25.27
N ASP A 56 -14.67 8.60 -25.17
CA ASP A 56 -13.87 9.08 -26.30
C ASP A 56 -14.50 10.32 -26.91
N GLY A 57 -15.02 11.21 -26.06
CA GLY A 57 -15.62 12.45 -26.49
C GLY A 57 -17.10 12.34 -26.81
N VAL A 58 -17.57 11.16 -27.19
CA VAL A 58 -18.97 10.97 -27.56
C VAL A 58 -19.81 10.94 -26.29
N GLU A 59 -20.81 11.82 -26.22
CA GLU A 59 -21.68 11.84 -25.05
C GLU A 59 -22.52 10.57 -25.01
N VAL A 60 -22.73 10.06 -23.80
CA VAL A 60 -23.54 8.88 -23.57
C VAL A 60 -24.55 9.16 -22.48
N HIS A 61 -25.67 8.43 -22.52
CA HIS A 61 -26.78 8.63 -21.61
C HIS A 61 -27.19 7.31 -20.98
N ASN A 62 -26.20 6.45 -20.74
CA ASN A 62 -26.39 5.13 -20.16
C ASN A 62 -26.14 5.11 -18.66
N ALA A 63 -25.80 6.26 -18.07
CA ALA A 63 -25.41 6.33 -16.69
C ALA A 63 -26.61 6.15 -15.76
N LYS A 64 -26.31 6.04 -14.47
CA LYS A 64 -27.31 5.89 -13.43
C LYS A 64 -26.84 6.67 -12.21
N THR A 65 -27.59 7.68 -11.82
CA THR A 65 -27.30 8.39 -10.58
C THR A 65 -27.94 7.66 -9.41
N LYS A 66 -27.28 7.68 -8.28
CA LYS A 66 -27.78 7.02 -7.10
C LYS A 66 -28.33 8.04 -6.12
N PRO A 67 -29.25 7.64 -5.25
CA PRO A 67 -29.78 8.61 -4.27
C PRO A 67 -28.66 9.21 -3.44
N ARG A 68 -28.70 10.53 -3.28
CA ARG A 68 -27.63 11.25 -2.61
C ARG A 68 -27.55 10.83 -1.14
N GLU A 69 -26.33 10.57 -0.67
CA GLU A 69 -26.10 10.13 0.70
C GLU A 69 -25.78 11.33 1.58
N GLU A 70 -26.61 11.56 2.59
CA GLU A 70 -26.31 12.60 3.57
C GLU A 70 -25.13 12.11 4.41
N GLN A 71 -24.11 12.95 4.56
CA GLN A 71 -22.89 12.59 5.27
C GLN A 71 -22.89 13.16 6.69
N TYR A 72 -22.00 12.63 7.52
CA TYR A 72 -21.95 13.05 8.92
C TYR A 72 -21.42 14.47 9.09
N ASN A 73 -20.86 15.08 8.05
CA ASN A 73 -20.38 16.45 8.13
C ASN A 73 -21.32 17.44 7.43
N SER A 74 -22.60 17.10 7.35
CA SER A 74 -23.63 17.98 6.80
C SER A 74 -23.45 18.24 5.31
N THR A 75 -22.77 17.35 4.61
CA THR A 75 -22.65 17.40 3.16
C THR A 75 -23.29 16.17 2.55
N TYR A 76 -23.53 16.24 1.25
CA TYR A 76 -24.05 15.10 0.49
C TYR A 76 -22.94 14.48 -0.35
N ARG A 77 -23.19 13.24 -0.75
CA ARG A 77 -22.29 12.47 -1.62
C ARG A 77 -23.15 11.93 -2.76
N VAL A 78 -22.96 12.48 -3.95
CA VAL A 78 -23.78 12.13 -5.11
C VAL A 78 -22.93 11.31 -6.06
N VAL A 79 -23.38 10.09 -6.35
CA VAL A 79 -22.60 9.11 -7.11
C VAL A 79 -23.33 8.83 -8.42
N SER A 80 -22.58 8.85 -9.52
CA SER A 80 -23.09 8.46 -10.82
C SER A 80 -22.21 7.34 -11.37
N VAL A 81 -22.83 6.22 -11.73
CA VAL A 81 -22.11 5.05 -12.21
C VAL A 81 -22.45 4.87 -13.68
N LEU A 82 -21.46 4.46 -14.47
CA LEU A 82 -21.61 4.20 -15.89
C LEU A 82 -21.09 2.81 -16.18
N THR A 83 -21.94 1.94 -16.70
CA THR A 83 -21.51 0.61 -17.11
C THR A 83 -20.64 0.72 -18.35
N VAL A 84 -19.50 0.02 -18.32
CA VAL A 84 -18.58 0.01 -19.44
C VAL A 84 -18.53 -1.40 -20.00
N LEU A 85 -18.09 -1.50 -21.24
CA LEU A 85 -17.89 -2.79 -21.89
C LEU A 85 -16.50 -3.32 -21.59
N HIS A 86 -16.43 -4.61 -21.29
CA HIS A 86 -15.15 -5.24 -20.97
C HIS A 86 -14.10 -4.90 -22.02
N GLN A 87 -14.48 -4.99 -23.29
CA GLN A 87 -13.52 -4.75 -24.37
C GLN A 87 -13.16 -3.27 -24.46
N ASP A 88 -14.13 -2.37 -24.22
CA ASP A 88 -13.86 -0.95 -24.31
C ASP A 88 -12.80 -0.52 -23.31
N TRP A 89 -12.94 -0.97 -22.06
CA TRP A 89 -12.00 -0.55 -21.02
C TRP A 89 -10.60 -1.09 -21.29
N LEU A 90 -10.50 -2.36 -21.66
CA LEU A 90 -9.19 -2.97 -21.89
C LEU A 90 -8.50 -2.37 -23.11
N ASN A 91 -9.26 -1.89 -24.08
CA ASN A 91 -8.68 -1.25 -25.26
C ASN A 91 -8.27 0.19 -25.00
N GLY A 92 -8.54 0.73 -23.82
CA GLY A 92 -8.01 2.02 -23.43
C GLY A 92 -8.87 3.22 -23.75
N LYS A 93 -10.18 3.02 -23.93
CA LYS A 93 -11.05 4.17 -24.19
C LYS A 93 -11.14 5.07 -22.97
N GLU A 94 -11.21 6.37 -23.20
CA GLU A 94 -11.30 7.34 -22.13
C GLU A 94 -12.75 7.56 -21.73
N TYR A 95 -12.97 7.61 -20.42
CA TYR A 95 -14.28 7.89 -19.84
C TYR A 95 -14.20 9.21 -19.09
N LYS A 96 -15.07 10.15 -19.45
CA LYS A 96 -15.04 11.50 -18.91
C LYS A 96 -16.33 11.79 -18.16
N CYS A 97 -16.21 12.32 -16.96
CA CYS A 97 -17.35 12.71 -16.15
C CYS A 97 -17.39 14.22 -16.03
N LYS A 98 -18.54 14.82 -16.33
CA LYS A 98 -18.73 16.26 -16.26
C LYS A 98 -19.81 16.56 -15.23
N VAL A 99 -19.44 17.25 -14.16
CA VAL A 99 -20.32 17.50 -13.03
C VAL A 99 -20.74 18.95 -13.04
N SER A 100 -22.05 19.19 -12.95
CA SER A 100 -22.62 20.53 -12.91
C SER A 100 -23.40 20.68 -11.62
N ASN A 101 -23.21 21.82 -10.96
CA ASN A 101 -23.89 22.10 -9.71
C ASN A 101 -23.87 23.61 -9.49
N LYS A 102 -24.97 24.14 -8.94
CA LYS A 102 -25.11 25.59 -8.81
C LYS A 102 -23.98 26.19 -7.96
N ALA A 103 -23.30 25.39 -7.16
CA ALA A 103 -22.18 25.86 -6.35
C ALA A 103 -20.86 25.92 -7.13
N LEU A 104 -20.85 25.44 -8.38
CA LEU A 104 -19.64 25.46 -9.19
C LEU A 104 -19.72 26.58 -10.21
N PRO A 105 -18.79 27.54 -10.24
CA PRO A 105 -18.83 28.56 -11.29
C PRO A 105 -18.90 27.96 -12.68
N ALA A 106 -18.20 26.86 -12.90
CA ALA A 106 -18.24 26.11 -14.15
C ALA A 106 -18.13 24.63 -13.82
N PRO A 107 -18.54 23.76 -14.75
CA PRO A 107 -18.51 22.33 -14.46
C PRO A 107 -17.10 21.81 -14.23
N ILE A 108 -17.02 20.69 -13.51
CA ILE A 108 -15.77 19.97 -13.29
C ILE A 108 -15.74 18.78 -14.23
N GLU A 109 -14.60 18.58 -14.90
CA GLU A 109 -14.42 17.47 -15.84
C GLU A 109 -13.25 16.61 -15.36
N LYS A 110 -13.53 15.36 -15.03
CA LYS A 110 -12.51 14.37 -14.74
C LYS A 110 -12.53 13.29 -15.80
N THR A 111 -11.35 12.78 -16.14
CA THR A 111 -11.21 11.74 -17.15
C THR A 111 -10.39 10.59 -16.58
N ILE A 112 -10.81 9.37 -16.87
CA ILE A 112 -10.13 8.17 -16.40
C ILE A 112 -10.06 7.17 -17.54
N SER A 113 -8.99 6.39 -17.56
CA SER A 113 -8.84 5.31 -18.53
C SER A 113 -7.83 4.32 -17.98
N LYS A 114 -7.80 3.14 -18.58
CA LYS A 114 -6.80 2.16 -18.21
C LYS A 114 -5.41 2.73 -18.49
N ALA A 115 -4.43 2.26 -17.72
CA ALA A 115 -3.06 2.74 -17.89
C ALA A 115 -2.52 2.33 -19.26
N LYS A 116 -1.77 3.23 -19.87
CA LYS A 116 -1.17 2.96 -21.16
C LYS A 116 0.13 2.17 -20.96
N GLY A 117 0.55 1.49 -22.02
CA GLY A 117 1.76 0.69 -21.96
C GLY A 117 1.49 -0.75 -22.34
N GLN A 118 2.49 -1.42 -22.90
CA GLN A 118 2.32 -2.80 -23.33
C GLN A 118 1.93 -3.67 -22.15
N PRO A 119 0.79 -4.35 -22.18
CA PRO A 119 0.46 -5.24 -21.06
C PRO A 119 1.52 -6.31 -20.89
N ARG A 120 1.76 -6.68 -19.63
CA ARG A 120 2.76 -7.67 -19.28
C ARG A 120 2.15 -8.78 -18.45
N GLU A 121 2.54 -10.01 -18.74
CA GLU A 121 1.93 -11.19 -18.13
C GLU A 121 2.56 -11.45 -16.76
N PRO A 122 1.76 -11.68 -15.71
CA PRO A 122 2.36 -12.01 -14.41
C PRO A 122 2.99 -13.38 -14.40
N GLN A 123 4.09 -13.50 -13.67
CA GLN A 123 4.61 -14.79 -13.24
C GLN A 123 4.03 -15.08 -11.86
N VAL A 124 3.55 -16.30 -11.66
CA VAL A 124 2.86 -16.68 -10.44
C VAL A 124 3.62 -17.83 -9.81
N TYR A 125 4.12 -17.60 -8.59
CA TYR A 125 4.89 -18.62 -7.88
C TYR A 125 4.30 -18.84 -6.50
N THR A 126 4.13 -20.10 -6.13
CA THR A 126 3.65 -20.48 -4.80
C THR A 126 4.83 -20.98 -3.97
N LEU A 127 4.88 -20.54 -2.72
CA LEU A 127 6.00 -20.85 -1.85
C LEU A 127 5.48 -21.54 -0.59
N PRO A 128 6.02 -22.69 -0.21
CA PRO A 128 5.55 -23.34 1.02
C PRO A 128 6.01 -22.58 2.24
N PRO A 129 5.54 -22.97 3.42
CA PRO A 129 5.93 -22.23 4.63
C PRO A 129 7.38 -22.47 4.99
N SER A 130 7.99 -21.47 5.62
CA SER A 130 9.36 -21.61 6.11
C SER A 130 9.42 -22.69 7.17
N ARG A 131 10.53 -23.42 7.20
CA ARG A 131 10.71 -24.45 8.22
C ARG A 131 10.55 -23.87 9.62
N ASP A 132 10.93 -22.61 9.81
CA ASP A 132 10.87 -21.98 11.12
C ASP A 132 9.45 -21.65 11.56
N GLU A 133 8.48 -21.66 10.64
CA GLU A 133 7.11 -21.33 10.99
C GLU A 133 6.33 -22.53 11.50
N LEU A 134 6.84 -23.75 11.32
CA LEU A 134 6.12 -24.94 11.75
C LEU A 134 5.97 -25.04 13.25
N ARG A 135 6.69 -24.20 14.03
CA ARG A 135 6.42 -24.11 15.45
C ARG A 135 4.95 -23.84 15.73
N PHE A 136 4.32 -23.04 14.88
CA PHE A 136 2.97 -22.56 15.12
C PHE A 136 1.92 -23.49 14.53
N TYR A 137 0.71 -23.39 15.09
CA TYR A 137 -0.41 -24.18 14.57
C TYR A 137 -0.89 -23.60 13.25
N GLN A 138 -0.82 -22.29 13.08
CA GLN A 138 -1.15 -21.62 11.83
C GLN A 138 0.14 -21.38 11.04
N VAL A 139 0.13 -21.78 9.77
CA VAL A 139 1.29 -21.60 8.90
C VAL A 139 0.88 -20.80 7.67
N SER A 140 1.89 -20.27 6.98
CA SER A 140 1.69 -19.31 5.91
C SER A 140 2.05 -19.93 4.57
N LEU A 141 1.09 -19.97 3.65
CA LEU A 141 1.33 -20.32 2.26
C LEU A 141 1.35 -19.04 1.43
N THR A 142 2.38 -18.89 0.61
CA THR A 142 2.68 -17.65 -0.07
C THR A 142 2.50 -17.80 -1.58
N CYS A 143 1.92 -16.78 -2.20
CA CYS A 143 1.81 -16.70 -3.65
C CYS A 143 2.49 -15.41 -4.11
N LEU A 144 3.54 -15.55 -4.92
CA LEU A 144 4.26 -14.43 -5.49
C LEU A 144 3.75 -14.18 -6.90
N VAL A 145 3.28 -12.96 -7.16
CA VAL A 145 2.81 -12.53 -8.47
C VAL A 145 3.67 -11.34 -8.87
N LYS A 146 4.47 -11.49 -9.92
CA LYS A 146 5.43 -10.45 -10.28
C LYS A 146 5.44 -10.23 -11.79
N GLY A 147 5.90 -9.05 -12.17
CA GLY A 147 6.17 -8.76 -13.57
C GLY A 147 4.97 -8.45 -14.42
N PHE A 148 3.87 -8.00 -13.82
CA PHE A 148 2.66 -7.74 -14.58
C PHE A 148 2.44 -6.25 -14.78
N TYR A 149 1.74 -5.91 -15.85
CA TYR A 149 1.37 -4.55 -16.17
C TYR A 149 0.11 -4.54 -17.02
N PRO A 150 -0.83 -3.61 -16.75
CA PRO A 150 -0.86 -2.64 -15.66
C PRO A 150 -1.14 -3.28 -14.30
N SER A 151 -1.24 -2.47 -13.24
CA SER A 151 -1.35 -3.00 -11.89
C SER A 151 -2.70 -3.62 -11.59
N ASP A 152 -3.73 -3.28 -12.38
CA ASP A 152 -5.05 -3.86 -12.18
C ASP A 152 -4.97 -5.39 -12.18
N ILE A 153 -5.34 -6.00 -11.05
CA ILE A 153 -5.20 -7.44 -10.89
C ILE A 153 -6.12 -7.91 -9.77
N ALA A 154 -6.47 -9.20 -9.80
CA ALA A 154 -7.29 -9.84 -8.78
C ALA A 154 -6.65 -11.17 -8.40
N VAL A 155 -6.63 -11.46 -7.10
CA VAL A 155 -6.00 -12.67 -6.57
C VAL A 155 -6.94 -13.34 -5.59
N GLU A 156 -7.01 -14.67 -5.66
CA GLU A 156 -7.84 -15.46 -4.77
C GLU A 156 -7.16 -16.80 -4.51
N TRP A 157 -7.58 -17.46 -3.43
CA TRP A 157 -7.10 -18.79 -3.07
C TRP A 157 -8.25 -19.77 -3.08
N GLU A 158 -7.94 -21.04 -3.32
CA GLU A 158 -8.93 -22.11 -3.30
C GLU A 158 -8.27 -23.37 -2.72
N SER A 159 -9.10 -24.34 -2.36
CA SER A 159 -8.62 -25.59 -1.80
C SER A 159 -9.68 -26.67 -1.94
N ASN A 160 -9.22 -27.93 -1.86
CA ASN A 160 -10.09 -29.08 -1.77
C ASN A 160 -10.39 -29.47 -0.32
N GLY A 161 -10.12 -28.59 0.63
CA GLY A 161 -10.35 -28.91 2.03
C GLY A 161 -11.83 -29.02 2.37
N GLN A 162 -12.12 -29.86 3.37
CA GLN A 162 -13.48 -30.09 3.81
C GLN A 162 -13.99 -28.94 4.69
N PRO A 163 -15.31 -28.73 4.72
CA PRO A 163 -15.85 -27.53 5.37
C PRO A 163 -15.69 -27.54 6.88
N ASP A 164 -15.57 -28.70 7.50
CA ASP A 164 -15.39 -28.74 8.95
C ASP A 164 -14.02 -28.19 9.38
N ILE A 165 -13.01 -28.23 8.50
CA ILE A 165 -11.76 -27.54 8.78
C ILE A 165 -11.85 -26.06 8.42
N PHE A 166 -12.59 -25.72 7.35
CA PHE A 166 -12.70 -24.35 6.86
C PHE A 166 -14.18 -24.00 6.72
N PRO A 167 -14.89 -23.81 7.84
CA PRO A 167 -16.32 -23.50 7.74
C PRO A 167 -16.58 -22.12 7.14
N ASN A 168 -15.74 -21.14 7.45
CA ASN A 168 -15.89 -19.78 6.94
C ASN A 168 -15.06 -19.51 5.70
N GLY A 169 -14.59 -20.55 5.02
CA GLY A 169 -13.73 -20.36 3.87
C GLY A 169 -12.27 -20.22 4.25
N LEU A 170 -11.49 -19.77 3.27
CA LEU A 170 -10.06 -19.61 3.46
C LEU A 170 -9.71 -18.20 3.94
N ASN A 171 -8.69 -18.13 4.78
CA ASN A 171 -8.26 -16.89 5.42
C ASN A 171 -6.97 -16.41 4.75
N TYR A 172 -7.11 -15.47 3.82
CA TYR A 172 -5.94 -14.95 3.11
C TYR A 172 -6.04 -13.44 2.90
N LYS A 173 -4.87 -12.80 2.86
CA LYS A 173 -4.74 -11.38 2.57
C LYS A 173 -3.72 -11.20 1.44
N THR A 174 -3.94 -10.16 0.65
CA THR A 174 -3.07 -9.86 -0.50
C THR A 174 -2.57 -8.43 -0.38
N THR A 175 -1.27 -8.23 -0.61
CA THR A 175 -0.72 -6.90 -0.57
C THR A 175 -1.17 -6.12 -1.81
N PRO A 176 -1.12 -4.80 -1.76
CA PRO A 176 -1.35 -4.01 -2.96
C PRO A 176 -0.22 -4.20 -3.94
N PRO A 177 -0.42 -3.89 -5.22
CA PRO A 177 0.70 -3.95 -6.17
C PRO A 177 1.80 -2.99 -5.78
N VAL A 178 3.04 -3.41 -5.99
CA VAL A 178 4.21 -2.59 -5.74
C VAL A 178 4.94 -2.40 -7.06
N LEU A 179 5.32 -1.17 -7.36
CA LEU A 179 6.09 -0.90 -8.56
C LEU A 179 7.49 -1.47 -8.42
N ASP A 180 7.87 -2.34 -9.35
CA ASP A 180 9.18 -2.97 -9.28
C ASP A 180 10.19 -2.15 -10.07
N SER A 181 11.47 -2.51 -9.93
CA SER A 181 12.56 -1.71 -10.46
C SER A 181 12.58 -1.68 -11.99
N ASP A 182 11.79 -2.53 -12.66
CA ASP A 182 11.77 -2.58 -14.11
C ASP A 182 10.46 -2.04 -14.69
N GLY A 183 9.71 -1.26 -13.92
CA GLY A 183 8.47 -0.68 -14.38
C GLY A 183 7.27 -1.59 -14.30
N SER A 184 7.44 -2.86 -13.97
CA SER A 184 6.33 -3.77 -13.76
C SER A 184 5.92 -3.75 -12.29
N PHE A 185 4.86 -4.51 -11.98
CA PHE A 185 4.33 -4.58 -10.63
C PHE A 185 4.47 -5.99 -10.09
N PHE A 186 4.48 -6.09 -8.77
CA PHE A 186 4.45 -7.38 -8.09
C PHE A 186 3.62 -7.26 -6.83
N LEU A 187 3.14 -8.40 -6.35
CA LEU A 187 2.46 -8.45 -5.07
C LEU A 187 2.65 -9.83 -4.47
N TYR A 188 2.31 -9.95 -3.19
CA TYR A 188 2.25 -11.24 -2.51
C TYR A 188 0.85 -11.44 -1.96
N SER A 189 0.41 -12.70 -1.96
CA SER A 189 -0.83 -13.10 -1.30
C SER A 189 -0.50 -14.18 -0.29
N LYS A 190 -0.99 -14.01 0.94
CA LYS A 190 -0.68 -14.90 2.05
C LYS A 190 -1.94 -15.65 2.46
N LEU A 191 -1.87 -16.98 2.44
CA LEU A 191 -2.94 -17.84 2.94
C LEU A 191 -2.48 -18.49 4.23
N THR A 192 -3.28 -18.33 5.28
CA THR A 192 -2.99 -18.90 6.59
C THR A 192 -3.84 -20.14 6.78
N VAL A 193 -3.19 -21.28 7.00
CA VAL A 193 -3.91 -22.54 7.21
C VAL A 193 -3.38 -23.22 8.46
N PRO A 194 -4.17 -24.11 9.06
CA PRO A 194 -3.64 -24.90 10.18
C PRO A 194 -2.60 -25.89 9.70
N TYR A 195 -1.54 -26.03 10.49
CA TYR A 195 -0.47 -26.96 10.14
C TYR A 195 -0.97 -28.37 9.84
N PRO A 196 -1.96 -28.91 10.57
CA PRO A 196 -2.42 -30.27 10.23
C PRO A 196 -2.97 -30.40 8.82
N SER A 197 -3.79 -29.45 8.35
CA SER A 197 -4.33 -29.56 7.01
C SER A 197 -3.27 -29.39 5.93
N TRP A 198 -2.15 -28.74 6.27
CA TRP A 198 -1.02 -28.71 5.35
C TRP A 198 -0.34 -30.07 5.28
N LEU A 199 -0.02 -30.66 6.44
CA LEU A 199 0.55 -32.00 6.47
C LEU A 199 -0.40 -33.02 5.90
N MET A 200 -1.70 -32.75 5.99
CA MET A 200 -2.75 -33.67 5.53
C MET A 200 -2.70 -33.92 4.03
N GLY A 201 -1.97 -33.10 3.29
CA GLY A 201 -1.92 -33.20 1.85
C GLY A 201 -2.96 -32.38 1.13
N THR A 202 -3.74 -31.58 1.85
CA THR A 202 -4.72 -30.70 1.20
C THR A 202 -4.04 -29.87 0.13
N ARG A 203 -4.71 -29.74 -1.01
CA ARG A 203 -4.21 -28.93 -2.13
C ARG A 203 -4.78 -27.52 -2.05
N PHE A 204 -3.89 -26.54 -2.06
CA PHE A 204 -4.28 -25.13 -2.08
C PHE A 204 -3.83 -24.52 -3.40
N SER A 205 -4.67 -23.63 -3.95
CA SER A 205 -4.48 -23.09 -5.29
C SER A 205 -4.49 -21.57 -5.23
N CYS A 206 -3.49 -20.95 -5.86
CA CYS A 206 -3.45 -19.50 -6.02
C CYS A 206 -4.01 -19.15 -7.40
N SER A 207 -5.08 -18.37 -7.43
CA SER A 207 -5.73 -17.95 -8.67
C SER A 207 -5.45 -16.48 -8.94
N VAL A 208 -4.91 -16.19 -10.12
CA VAL A 208 -4.52 -14.83 -10.52
C VAL A 208 -5.29 -14.47 -11.78
N MET A 209 -5.88 -13.28 -11.78
CA MET A 209 -6.66 -12.79 -12.92
C MET A 209 -6.08 -11.47 -13.37
N HIS A 210 -5.66 -11.41 -14.64
CA HIS A 210 -5.01 -10.24 -15.20
C HIS A 210 -5.29 -10.23 -16.70
N GLU A 211 -5.31 -9.04 -17.29
CA GLU A 211 -5.65 -8.92 -18.70
C GLU A 211 -4.67 -9.68 -19.58
N ALA A 212 -3.40 -9.77 -19.18
CA ALA A 212 -2.34 -10.30 -20.01
C ALA A 212 -2.20 -11.81 -19.94
N LEU A 213 -3.01 -12.48 -19.13
CA LEU A 213 -2.96 -13.93 -19.03
C LEU A 213 -3.85 -14.57 -20.09
N HIS A 214 -3.56 -15.83 -20.40
CA HIS A 214 -4.45 -16.60 -21.25
C HIS A 214 -5.80 -16.76 -20.57
N ASN A 215 -6.86 -16.37 -21.27
CA ASN A 215 -8.21 -16.35 -20.70
C ASN A 215 -8.31 -15.47 -19.47
N HIS A 216 -7.38 -14.52 -19.32
CA HIS A 216 -7.37 -13.59 -18.20
C HIS A 216 -7.26 -14.30 -16.85
N TYR A 217 -6.75 -15.53 -16.82
CA TYR A 217 -6.80 -16.33 -15.60
C TYR A 217 -5.68 -17.38 -15.61
N THR A 218 -5.08 -17.58 -14.44
CA THR A 218 -4.14 -18.68 -14.24
C THR A 218 -4.22 -19.14 -12.79
N GLN A 219 -3.68 -20.32 -12.53
CA GLN A 219 -3.82 -20.95 -11.22
C GLN A 219 -2.60 -21.84 -10.97
N LYS A 220 -1.94 -21.63 -9.83
CA LYS A 220 -0.82 -22.46 -9.41
C LYS A 220 -1.16 -23.14 -8.09
N HIS A 221 -0.74 -24.39 -7.96
CA HIS A 221 -1.10 -25.22 -6.82
C HIS A 221 0.06 -25.28 -5.83
N LEU A 222 -0.28 -25.71 -4.61
CA LEU A 222 0.67 -25.77 -3.52
C LEU A 222 0.18 -26.84 -2.55
N GLU A 223 1.05 -27.80 -2.26
CA GLU A 223 0.68 -28.92 -1.41
C GLU A 223 1.95 -29.50 -0.80
N TYR A 224 1.77 -30.23 0.29
CA TYR A 224 2.89 -30.76 1.05
C TYR A 224 3.64 -31.83 0.28
N GLN A 225 4.97 -31.74 0.31
CA GLN A 225 5.85 -32.65 -0.40
C GLN A 225 6.49 -33.61 0.61
N TRP A 226 6.45 -34.90 0.30
CA TRP A 226 6.95 -35.93 1.19
C TRP A 226 8.37 -36.33 0.81
N SER B 15 -3.73 25.08 5.14
CA SER B 15 -3.81 23.68 5.54
C SER B 15 -2.52 23.23 6.20
N VAL B 16 -2.64 22.33 7.17
CA VAL B 16 -1.50 21.82 7.94
C VAL B 16 -1.38 20.32 7.71
N PHE B 17 -0.14 19.84 7.72
CA PHE B 17 0.14 18.42 7.64
C PHE B 17 1.25 18.10 8.63
N LEU B 18 0.96 17.22 9.58
CA LEU B 18 1.89 16.84 10.64
C LEU B 18 2.31 15.39 10.44
N PHE B 19 3.62 15.15 10.37
CA PHE B 19 4.13 13.85 9.98
C PHE B 19 4.88 13.17 11.12
N PRO B 20 4.88 11.84 11.18
CA PRO B 20 5.58 11.14 12.25
C PRO B 20 7.05 10.96 11.93
N PRO B 21 7.85 10.51 12.90
CA PRO B 21 9.25 10.18 12.61
C PRO B 21 9.35 8.90 11.79
N LYS B 22 10.50 8.73 11.15
CA LYS B 22 10.75 7.53 10.37
C LYS B 22 10.96 6.35 11.31
N PRO B 23 10.31 5.21 11.08
CA PRO B 23 10.43 4.09 12.04
C PRO B 23 11.86 3.75 12.41
N LYS B 24 12.76 3.68 11.43
CA LYS B 24 14.15 3.33 11.72
C LYS B 24 14.81 4.37 12.60
N ASP B 25 14.36 5.63 12.53
CA ASP B 25 14.98 6.68 13.34
C ASP B 25 14.64 6.52 14.81
N THR B 26 13.43 6.06 15.12
CA THR B 26 13.01 5.93 16.51
C THR B 26 13.61 4.71 17.19
N LEU B 27 14.08 3.73 16.42
CA LEU B 27 14.55 2.47 16.97
C LEU B 27 16.06 2.40 17.20
N MET B 28 16.83 3.32 16.62
CA MET B 28 18.30 3.30 16.75
C MET B 28 18.77 4.57 17.44
N ILE B 29 19.51 4.39 18.54
CA ILE B 29 19.98 5.52 19.33
C ILE B 29 20.89 6.43 18.51
N SER B 30 21.61 5.88 17.53
CA SER B 30 22.54 6.69 16.76
C SER B 30 21.84 7.63 15.80
N ARG B 31 20.56 7.40 15.52
CA ARG B 31 19.81 8.20 14.56
C ARG B 31 18.98 9.26 15.26
N THR B 32 18.44 10.17 14.47
CA THR B 32 17.75 11.35 14.98
C THR B 32 16.30 11.35 14.51
N PRO B 33 15.36 10.84 15.30
CA PRO B 33 13.96 10.90 14.90
C PRO B 33 13.42 12.31 15.10
N GLU B 34 12.44 12.67 14.28
CA GLU B 34 11.91 14.02 14.34
C GLU B 34 10.50 14.06 13.78
N VAL B 35 9.66 14.84 14.42
CA VAL B 35 8.32 15.13 13.91
C VAL B 35 8.42 16.33 12.99
N THR B 36 7.66 16.30 11.89
CA THR B 36 7.73 17.32 10.85
C THR B 36 6.36 17.96 10.69
N CYS B 37 6.30 19.27 10.89
CA CYS B 37 5.07 20.04 10.78
C CYS B 37 5.15 20.89 9.51
N VAL B 38 4.33 20.54 8.52
CA VAL B 38 4.36 21.20 7.22
C VAL B 38 3.17 22.14 7.12
N VAL B 39 3.41 23.34 6.58
CA VAL B 39 2.40 24.36 6.38
C VAL B 39 2.36 24.71 4.90
N VAL B 40 1.17 24.68 4.32
CA VAL B 40 0.99 24.96 2.89
C VAL B 40 0.05 26.15 2.71
N ASP B 41 -0.36 26.40 1.47
CA ASP B 41 -1.25 27.51 1.13
C ASP B 41 -0.80 28.82 1.78
N VAL B 42 0.52 29.03 1.81
CA VAL B 42 1.10 30.26 2.33
C VAL B 42 1.18 31.27 1.19
N SER B 43 0.66 32.47 1.42
CA SER B 43 0.59 33.47 0.36
C SER B 43 1.84 34.35 0.36
N HIS B 44 2.02 35.06 -0.76
CA HIS B 44 3.16 35.97 -0.89
C HIS B 44 3.03 37.18 0.02
N GLU B 45 1.81 37.71 0.19
CA GLU B 45 1.60 38.85 1.08
C GLU B 45 1.70 38.47 2.55
N ASP B 46 1.64 37.18 2.88
CA ASP B 46 1.63 36.73 4.27
C ASP B 46 2.59 35.56 4.44
N PRO B 47 3.88 35.79 4.21
CA PRO B 47 4.87 34.71 4.36
C PRO B 47 5.31 34.45 5.78
N GLU B 48 4.84 35.23 6.75
CA GLU B 48 5.19 35.00 8.16
C GLU B 48 4.49 33.74 8.67
N VAL B 49 5.26 32.89 9.36
CA VAL B 49 4.71 31.69 9.99
C VAL B 49 5.45 31.44 11.29
N LYS B 50 4.70 31.31 12.38
CA LYS B 50 5.26 31.00 13.69
C LYS B 50 4.85 29.60 14.11
N PHE B 51 5.76 28.89 14.78
CA PHE B 51 5.51 27.52 15.25
C PHE B 51 5.69 27.46 16.75
N ASN B 52 4.79 26.73 17.43
CA ASN B 52 4.91 26.42 18.84
C ASN B 52 4.75 24.92 19.02
N TRP B 53 5.67 24.31 19.77
CA TRP B 53 5.69 22.86 19.94
C TRP B 53 5.39 22.50 21.38
N TYR B 54 4.60 21.43 21.57
CA TYR B 54 4.17 20.99 22.89
C TYR B 54 4.23 19.48 22.98
N VAL B 55 5.03 18.97 23.92
CA VAL B 55 5.12 17.54 24.20
C VAL B 55 4.30 17.27 25.46
N ASP B 56 3.17 16.58 25.30
CA ASP B 56 2.25 16.34 26.41
C ASP B 56 1.82 17.67 27.04
N GLY B 57 1.60 18.67 26.19
CA GLY B 57 1.17 19.99 26.62
C GLY B 57 2.28 20.93 27.02
N VAL B 58 3.41 20.41 27.46
CA VAL B 58 4.53 21.24 27.89
C VAL B 58 5.24 21.77 26.65
N GLU B 59 5.36 23.09 26.56
CA GLU B 59 6.04 23.68 25.41
C GLU B 59 7.53 23.33 25.43
N VAL B 60 8.09 23.13 24.24
CA VAL B 60 9.51 22.84 24.07
C VAL B 60 10.05 23.79 23.01
N HIS B 61 11.35 24.08 23.09
CA HIS B 61 11.95 25.11 22.24
C HIS B 61 13.21 24.63 21.53
N ASN B 62 13.27 23.35 21.16
CA ASN B 62 14.41 22.82 20.43
C ASN B 62 14.17 22.69 18.94
N ALA B 63 13.01 23.10 18.44
CA ALA B 63 12.67 22.89 17.04
C ALA B 63 13.47 23.84 16.14
N LYS B 64 13.35 23.62 14.83
CA LYS B 64 14.06 24.41 13.84
C LYS B 64 13.17 24.57 12.60
N THR B 65 12.88 25.80 12.23
CA THR B 65 12.15 26.08 11.00
C THR B 65 13.10 26.09 9.81
N LYS B 66 12.59 25.66 8.66
CA LYS B 66 13.36 25.56 7.42
C LYS B 66 13.02 26.68 6.46
N PRO B 67 13.92 26.99 5.52
CA PRO B 67 13.64 28.04 4.53
C PRO B 67 12.37 27.76 3.75
N ARG B 68 11.56 28.79 3.57
CA ARG B 68 10.27 28.66 2.90
C ARG B 68 10.47 28.30 1.43
N GLU B 69 9.75 27.29 0.96
CA GLU B 69 9.88 26.80 -0.40
C GLU B 69 8.79 27.38 -1.30
N GLU B 70 9.20 28.13 -2.32
CA GLU B 70 8.27 28.62 -3.33
C GLU B 70 7.77 27.48 -4.20
N GLN B 71 6.46 27.40 -4.41
CA GLN B 71 5.86 26.37 -5.22
C GLN B 71 5.48 26.93 -6.60
N TYR B 72 5.29 26.01 -7.55
CA TYR B 72 4.95 26.40 -8.91
C TYR B 72 3.52 26.91 -9.04
N ASN B 73 2.69 26.77 -8.01
CA ASN B 73 1.32 27.26 -8.02
C ASN B 73 1.15 28.50 -7.16
N SER B 74 2.22 29.29 -7.02
CA SER B 74 2.20 30.58 -6.33
C SER B 74 1.93 30.46 -4.84
N THR B 75 2.23 29.32 -4.23
CA THR B 75 2.15 29.16 -2.79
C THR B 75 3.52 28.83 -2.22
N TYR B 76 3.67 29.02 -0.92
CA TYR B 76 4.90 28.67 -0.21
C TYR B 76 4.67 27.41 0.62
N ARG B 77 5.77 26.77 0.98
CA ARG B 77 5.74 25.55 1.80
C ARG B 77 6.72 25.74 2.95
N VAL B 78 6.18 25.88 4.17
CA VAL B 78 6.97 26.19 5.36
C VAL B 78 7.00 24.95 6.25
N VAL B 79 8.20 24.46 6.55
CA VAL B 79 8.40 23.23 7.29
C VAL B 79 9.09 23.55 8.61
N SER B 80 8.58 22.98 9.70
CA SER B 80 9.19 23.07 11.03
C SER B 80 9.46 21.67 11.55
N VAL B 81 10.69 21.42 11.97
CA VAL B 81 11.13 20.11 12.44
C VAL B 81 11.40 20.18 13.95
N LEU B 82 11.03 19.11 14.65
CA LEU B 82 11.28 18.98 16.08
C LEU B 82 11.95 17.64 16.35
N THR B 83 13.18 17.67 16.87
CA THR B 83 13.85 16.44 17.27
C THR B 83 13.20 15.91 18.54
N VAL B 84 12.90 14.61 18.55
CA VAL B 84 12.24 13.97 19.69
C VAL B 84 13.19 12.93 20.28
N LEU B 85 12.88 12.54 21.53
CA LEU B 85 13.60 11.45 22.18
C LEU B 85 12.97 10.13 21.75
N HIS B 86 13.82 9.16 21.38
CA HIS B 86 13.34 7.87 20.95
C HIS B 86 12.36 7.29 21.96
N GLN B 87 12.72 7.35 23.24
CA GLN B 87 11.88 6.73 24.26
C GLN B 87 10.60 7.51 24.47
N ASP B 88 10.60 8.82 24.20
CA ASP B 88 9.36 9.60 24.32
C ASP B 88 8.36 9.15 23.27
N TRP B 89 8.80 9.01 22.02
CA TRP B 89 7.88 8.61 20.96
C TRP B 89 7.38 7.19 21.18
N LEU B 90 8.28 6.27 21.54
CA LEU B 90 7.88 4.88 21.73
C LEU B 90 6.95 4.72 22.93
N ASN B 91 7.07 5.60 23.92
CA ASN B 91 6.19 5.55 25.08
C ASN B 91 4.84 6.21 24.84
N GLY B 92 4.63 6.81 23.67
CA GLY B 92 3.32 7.28 23.29
C GLY B 92 3.01 8.72 23.66
N LYS B 93 4.02 9.54 23.92
CA LYS B 93 3.77 10.94 24.23
C LYS B 93 3.24 11.66 23.00
N GLU B 94 2.32 12.60 23.22
CA GLU B 94 1.71 13.34 22.12
C GLU B 94 2.55 14.56 21.78
N TYR B 95 2.71 14.81 20.47
CA TYR B 95 3.44 15.96 19.95
C TYR B 95 2.46 16.85 19.20
N LYS B 96 2.38 18.11 19.61
CA LYS B 96 1.43 19.06 19.06
C LYS B 96 2.17 20.22 18.41
N CYS B 97 1.76 20.56 17.19
CA CYS B 97 2.31 21.69 16.44
C CYS B 97 1.25 22.77 16.33
N LYS B 98 1.61 23.99 16.69
CA LYS B 98 0.70 25.13 16.68
C LYS B 98 1.21 26.18 15.70
N VAL B 99 0.44 26.45 14.64
CA VAL B 99 0.84 27.33 13.56
C VAL B 99 0.03 28.63 13.66
N SER B 100 0.72 29.76 13.57
CA SER B 100 0.10 31.08 13.65
C SER B 100 0.38 31.87 12.38
N ASN B 101 -0.65 32.54 11.86
CA ASN B 101 -0.55 33.36 10.67
C ASN B 101 -1.72 34.33 10.64
N LYS B 102 -1.52 35.46 9.95
CA LYS B 102 -2.58 36.47 9.89
C LYS B 102 -3.77 36.00 9.07
N ALA B 103 -3.52 35.21 8.02
CA ALA B 103 -4.61 34.69 7.20
C ALA B 103 -5.41 33.61 7.91
N LEU B 104 -4.98 33.19 9.09
CA LEU B 104 -5.69 32.20 9.87
C LEU B 104 -6.38 32.90 11.03
N PRO B 105 -7.72 32.83 11.17
CA PRO B 105 -8.36 33.51 12.31
C PRO B 105 -7.79 33.15 13.66
N ALA B 106 -7.42 31.90 13.86
CA ALA B 106 -6.79 31.43 15.08
C ALA B 106 -5.76 30.38 14.71
N PRO B 107 -4.83 30.08 15.61
CA PRO B 107 -3.79 29.10 15.26
C PRO B 107 -4.38 27.74 14.99
N ILE B 108 -3.65 26.95 14.20
CA ILE B 108 -4.00 25.56 13.91
C ILE B 108 -3.14 24.66 14.79
N GLU B 109 -3.76 23.70 15.46
CA GLU B 109 -3.07 22.76 16.33
C GLU B 109 -3.31 21.35 15.81
N LYS B 110 -2.24 20.68 15.39
CA LYS B 110 -2.27 19.28 15.01
C LYS B 110 -1.50 18.47 16.03
N THR B 111 -1.98 17.27 16.31
CA THR B 111 -1.35 16.38 17.28
C THR B 111 -1.08 15.03 16.64
N ILE B 112 0.09 14.48 16.95
CA ILE B 112 0.52 13.20 16.42
C ILE B 112 1.15 12.39 17.54
N SER B 113 0.98 11.07 17.46
CA SER B 113 1.59 10.17 18.43
C SER B 113 1.66 8.78 17.82
N LYS B 114 2.49 7.94 18.43
CA LYS B 114 2.56 6.55 17.99
C LYS B 114 1.21 5.87 18.18
N ALA B 115 0.94 4.87 17.35
CA ALA B 115 -0.33 4.16 17.43
C ALA B 115 -0.42 3.42 18.77
N LYS B 116 -1.61 3.44 19.35
CA LYS B 116 -1.85 2.77 20.62
C LYS B 116 -2.12 1.28 20.40
N GLY B 117 -1.94 0.51 21.46
CA GLY B 117 -2.13 -0.93 21.42
C GLY B 117 -0.90 -1.67 21.87
N GLN B 118 -1.07 -2.85 22.46
CA GLN B 118 0.07 -3.59 22.97
C GLN B 118 1.02 -3.95 21.83
N PRO B 119 2.30 -3.57 21.90
CA PRO B 119 3.24 -3.97 20.87
C PRO B 119 3.32 -5.49 20.75
N ARG B 120 3.41 -5.97 19.52
CA ARG B 120 3.55 -7.39 19.24
C ARG B 120 4.74 -7.62 18.34
N GLU B 121 5.47 -8.70 18.59
CA GLU B 121 6.78 -8.94 18.01
C GLU B 121 6.64 -9.55 16.61
N PRO B 122 7.35 -9.02 15.60
CA PRO B 122 7.27 -9.64 14.27
C PRO B 122 7.96 -10.99 14.22
N GLN B 123 7.38 -11.91 13.46
CA GLN B 123 8.05 -13.12 13.03
C GLN B 123 8.58 -12.93 11.61
N VAL B 124 9.82 -13.36 11.38
CA VAL B 124 10.54 -13.14 10.13
C VAL B 124 10.89 -14.49 9.53
N TYR B 125 10.40 -14.75 8.31
CA TYR B 125 10.66 -16.00 7.61
C TYR B 125 11.22 -15.69 6.22
N THR B 126 12.29 -16.39 5.85
CA THR B 126 12.87 -16.26 4.52
C THR B 126 12.50 -17.48 3.67
N LEU B 127 12.13 -17.22 2.42
CA LEU B 127 11.65 -18.25 1.51
C LEU B 127 12.50 -18.25 0.24
N PRO B 128 13.04 -19.38 -0.18
CA PRO B 128 13.86 -19.41 -1.40
C PRO B 128 13.00 -19.24 -2.64
N PRO B 129 13.60 -19.11 -3.81
CA PRO B 129 12.81 -18.95 -5.03
C PRO B 129 12.12 -20.26 -5.41
N SER B 130 10.97 -20.11 -6.07
CA SER B 130 10.27 -21.28 -6.59
C SER B 130 11.12 -21.97 -7.65
N ARG B 131 10.92 -23.28 -7.79
CA ARG B 131 11.63 -24.01 -8.84
C ARG B 131 11.27 -23.47 -10.22
N ASP B 132 10.02 -23.03 -10.40
CA ASP B 132 9.58 -22.52 -11.69
C ASP B 132 10.22 -21.18 -12.04
N GLU B 133 10.81 -20.47 -11.07
CA GLU B 133 11.42 -19.18 -11.36
C GLU B 133 12.86 -19.30 -11.84
N LEU B 134 13.49 -20.46 -11.62
CA LEU B 134 14.89 -20.61 -12.03
C LEU B 134 15.06 -20.61 -13.54
N ARG B 135 13.97 -20.78 -14.29
CA ARG B 135 14.02 -20.60 -15.74
C ARG B 135 14.58 -19.24 -16.10
N PHE B 136 14.28 -18.22 -15.30
CA PHE B 136 14.70 -16.86 -15.61
C PHE B 136 16.08 -16.61 -14.99
N TYR B 137 16.78 -15.63 -15.54
CA TYR B 137 18.10 -15.29 -15.01
C TYR B 137 18.00 -14.57 -13.67
N GLN B 138 16.95 -13.77 -13.48
CA GLN B 138 16.71 -13.11 -12.22
C GLN B 138 15.75 -13.94 -11.38
N VAL B 139 16.11 -14.19 -10.12
CA VAL B 139 15.27 -14.96 -9.21
C VAL B 139 14.93 -14.07 -8.02
N SER B 140 13.88 -14.49 -7.31
CA SER B 140 13.27 -13.69 -6.25
C SER B 140 13.53 -14.36 -4.91
N LEU B 141 14.15 -13.62 -3.99
CA LEU B 141 14.31 -14.06 -2.61
C LEU B 141 13.26 -13.34 -1.77
N THR B 142 12.52 -14.09 -0.98
CA THR B 142 11.34 -13.57 -0.28
C THR B 142 11.56 -13.53 1.22
N CYS B 143 11.12 -12.43 1.84
CA CYS B 143 11.12 -12.28 3.29
C CYS B 143 9.69 -11.98 3.74
N LEU B 144 9.14 -12.86 4.58
CA LEU B 144 7.83 -12.68 5.17
C LEU B 144 7.99 -12.14 6.58
N VAL B 145 7.36 -11.00 6.86
CA VAL B 145 7.35 -10.41 8.20
C VAL B 145 5.89 -10.29 8.63
N LYS B 146 5.51 -11.03 9.67
CA LYS B 146 4.12 -11.12 10.07
C LYS B 146 3.99 -10.99 11.57
N GLY B 147 2.78 -10.59 12.00
CA GLY B 147 2.41 -10.61 13.40
C GLY B 147 2.91 -9.48 14.24
N PHE B 148 3.25 -8.34 13.64
CA PHE B 148 3.80 -7.23 14.39
C PHE B 148 2.77 -6.12 14.59
N TYR B 149 2.96 -5.36 15.67
CA TYR B 149 2.14 -4.20 15.95
C TYR B 149 2.96 -3.26 16.83
N PRO B 150 2.90 -1.95 16.58
CA PRO B 150 2.20 -1.28 15.49
C PRO B 150 2.88 -1.51 14.14
N SER B 151 2.34 -0.91 13.08
CA SER B 151 2.83 -1.18 11.73
C SER B 151 4.20 -0.55 11.48
N ASP B 152 4.58 0.45 12.26
CA ASP B 152 5.88 1.09 12.11
C ASP B 152 6.99 0.05 12.16
N ILE B 153 7.74 -0.07 11.06
CA ILE B 153 8.73 -1.13 10.92
C ILE B 153 9.73 -0.70 9.85
N ALA B 154 10.92 -1.28 9.90
CA ALA B 154 11.95 -1.04 8.88
C ALA B 154 12.50 -2.38 8.43
N VAL B 155 12.66 -2.54 7.13
CA VAL B 155 13.11 -3.80 6.54
C VAL B 155 14.20 -3.49 5.52
N GLU B 156 15.26 -4.29 5.54
CA GLU B 156 16.38 -4.13 4.62
C GLU B 156 16.98 -5.50 4.34
N TRP B 157 17.72 -5.58 3.24
CA TRP B 157 18.45 -6.78 2.88
C TRP B 157 19.94 -6.51 2.90
N GLU B 158 20.72 -7.57 3.12
CA GLU B 158 22.16 -7.49 3.13
C GLU B 158 22.71 -8.78 2.53
N SER B 159 24.01 -8.79 2.30
CA SER B 159 24.66 -10.00 1.81
C SER B 159 26.13 -9.92 2.18
N ASN B 160 26.75 -11.10 2.26
CA ASN B 160 28.20 -11.18 2.43
C ASN B 160 28.90 -11.23 1.09
N GLY B 161 28.19 -10.91 0.01
CA GLY B 161 28.81 -10.89 -1.30
C GLY B 161 29.78 -9.74 -1.42
N GLN B 162 30.79 -9.94 -2.25
CA GLN B 162 31.79 -8.91 -2.47
C GLN B 162 31.21 -7.80 -3.35
N PRO B 163 31.76 -6.59 -3.26
CA PRO B 163 31.01 -5.42 -3.78
C PRO B 163 30.83 -5.38 -5.29
N ASP B 164 31.73 -5.94 -6.10
CA ASP B 164 31.51 -5.89 -7.55
C ASP B 164 30.37 -6.80 -7.97
N ILE B 165 29.98 -7.73 -7.10
CA ILE B 165 28.82 -8.59 -7.41
C ILE B 165 27.56 -7.75 -7.40
N PHE B 166 27.48 -6.78 -6.50
CA PHE B 166 26.33 -5.88 -6.40
C PHE B 166 26.87 -4.46 -6.29
N PRO B 167 27.39 -3.90 -7.38
CA PRO B 167 27.98 -2.55 -7.29
C PRO B 167 26.96 -1.47 -7.00
N ASN B 168 25.75 -1.59 -7.54
CA ASN B 168 24.69 -0.62 -7.30
C ASN B 168 23.86 -1.00 -6.08
N GLY B 169 24.37 -1.88 -5.24
CA GLY B 169 23.64 -2.37 -4.09
C GLY B 169 22.73 -3.52 -4.46
N LEU B 170 21.85 -3.84 -3.52
CA LEU B 170 20.90 -4.91 -3.72
C LEU B 170 19.58 -4.34 -4.25
N ASN B 171 18.93 -5.12 -5.11
CA ASN B 171 17.71 -4.68 -5.77
C ASN B 171 16.53 -5.36 -5.08
N TYR B 172 15.93 -4.66 -4.11
CA TYR B 172 14.80 -5.21 -3.39
C TYR B 172 13.74 -4.16 -3.17
N LYS B 173 12.50 -4.61 -3.13
CA LYS B 173 11.34 -3.78 -2.85
C LYS B 173 10.57 -4.44 -1.71
N THR B 174 9.93 -3.61 -0.91
CA THR B 174 9.17 -4.09 0.23
C THR B 174 7.75 -3.55 0.15
N THR B 175 6.77 -4.42 0.37
CA THR B 175 5.39 -3.99 0.33
C THR B 175 5.08 -3.15 1.56
N PRO B 176 4.04 -2.32 1.51
CA PRO B 176 3.58 -1.63 2.71
C PRO B 176 2.96 -2.62 3.68
N PRO B 177 2.84 -2.27 4.96
CA PRO B 177 2.17 -3.18 5.89
C PRO B 177 0.72 -3.41 5.47
N VAL B 178 0.26 -4.64 5.66
CA VAL B 178 -1.12 -5.03 5.38
C VAL B 178 -1.74 -5.47 6.70
N LEU B 179 -2.95 -4.99 6.98
CA LEU B 179 -3.65 -5.39 8.19
C LEU B 179 -4.10 -6.84 8.06
N ASP B 180 -3.68 -7.67 9.00
CA ASP B 180 -3.99 -9.09 8.96
C ASP B 180 -5.29 -9.35 9.73
N SER B 181 -5.79 -10.57 9.60
CA SER B 181 -7.12 -10.89 10.12
C SER B 181 -7.20 -10.85 11.63
N ASP B 182 -6.07 -10.78 12.33
CA ASP B 182 -6.05 -10.77 13.80
C ASP B 182 -5.63 -9.42 14.36
N GLY B 183 -5.71 -8.36 13.57
CA GLY B 183 -5.37 -7.03 14.02
C GLY B 183 -3.89 -6.69 13.99
N SER B 184 -3.02 -7.67 13.72
CA SER B 184 -1.60 -7.38 13.53
C SER B 184 -1.33 -7.11 12.05
N PHE B 185 -0.09 -6.78 11.74
CA PHE B 185 0.29 -6.45 10.37
C PHE B 185 1.29 -7.46 9.83
N PHE B 186 1.36 -7.52 8.51
CA PHE B 186 2.36 -8.33 7.83
C PHE B 186 2.79 -7.60 6.57
N LEU B 187 3.98 -7.96 6.09
CA LEU B 187 4.47 -7.47 4.81
C LEU B 187 5.40 -8.51 4.21
N TYR B 188 5.69 -8.32 2.93
CA TYR B 188 6.70 -9.10 2.23
C TYR B 188 7.76 -8.17 1.68
N SER B 189 9.00 -8.63 1.66
CA SER B 189 10.09 -7.94 0.99
C SER B 189 10.72 -8.89 -0.01
N LYS B 190 10.86 -8.43 -1.24
CA LYS B 190 11.36 -9.26 -2.34
C LYS B 190 12.73 -8.75 -2.75
N LEU B 191 13.73 -9.64 -2.70
CA LEU B 191 15.07 -9.35 -3.18
C LEU B 191 15.32 -10.09 -4.48
N THR B 192 15.71 -9.37 -5.51
CA THR B 192 15.99 -9.94 -6.82
C THR B 192 17.50 -10.07 -6.99
N VAL B 193 17.95 -11.29 -7.26
CA VAL B 193 19.37 -11.53 -7.52
C VAL B 193 19.51 -12.36 -8.78
N PRO B 194 20.68 -12.33 -9.41
CA PRO B 194 20.92 -13.25 -10.53
C PRO B 194 21.04 -14.69 -10.02
N TYR B 195 20.47 -15.61 -10.80
CA TYR B 195 20.56 -17.03 -10.45
C TYR B 195 21.99 -17.47 -10.16
N PRO B 196 23.00 -17.02 -10.91
CA PRO B 196 24.38 -17.45 -10.58
C PRO B 196 24.81 -17.08 -9.18
N SER B 197 24.53 -15.85 -8.73
CA SER B 197 24.92 -15.45 -7.38
C SER B 197 24.12 -16.21 -6.32
N TRP B 198 22.96 -16.74 -6.68
CA TRP B 198 22.24 -17.65 -5.79
C TRP B 198 22.94 -19.01 -5.72
N LEU B 199 23.25 -19.59 -6.88
CA LEU B 199 23.98 -20.86 -6.90
C LEU B 199 25.36 -20.73 -6.26
N MET B 200 25.92 -19.52 -6.28
CA MET B 200 27.25 -19.29 -5.74
C MET B 200 27.33 -19.54 -4.24
N GLY B 201 26.20 -19.62 -3.56
CA GLY B 201 26.19 -19.84 -2.12
C GLY B 201 26.24 -18.58 -1.29
N THR B 202 26.19 -17.40 -1.91
CA THR B 202 26.16 -16.16 -1.17
C THR B 202 25.05 -16.18 -0.13
N ARG B 203 25.34 -15.65 1.05
CA ARG B 203 24.37 -15.56 2.13
C ARG B 203 23.67 -14.20 2.02
N PHE B 204 22.34 -14.24 1.93
CA PHE B 204 21.54 -13.03 1.90
C PHE B 204 20.72 -12.97 3.18
N SER B 205 20.59 -11.76 3.75
CA SER B 205 19.99 -11.59 5.06
C SER B 205 18.86 -10.58 4.99
N CYS B 206 17.71 -10.96 5.53
CA CYS B 206 16.60 -10.05 5.73
C CYS B 206 16.70 -9.48 7.14
N SER B 207 16.84 -8.16 7.23
CA SER B 207 16.97 -7.47 8.51
C SER B 207 15.70 -6.69 8.79
N VAL B 208 15.10 -6.95 9.95
CA VAL B 208 13.83 -6.34 10.34
C VAL B 208 14.06 -5.60 11.65
N MET B 209 13.60 -4.35 11.72
CA MET B 209 13.73 -3.54 12.92
C MET B 209 12.35 -3.09 13.37
N HIS B 210 12.03 -3.40 14.63
CA HIS B 210 10.70 -3.14 15.16
C HIS B 210 10.81 -2.92 16.67
N GLU B 211 9.85 -2.18 17.20
CA GLU B 211 9.86 -1.79 18.61
C GLU B 211 9.85 -2.99 19.54
N ALA B 212 9.18 -4.08 19.15
CA ALA B 212 8.93 -5.20 20.04
C ALA B 212 10.04 -6.25 20.01
N LEU B 213 11.06 -6.07 19.18
CA LEU B 213 12.16 -7.02 19.09
C LEU B 213 13.23 -6.73 20.13
N HIS B 214 13.96 -7.77 20.50
CA HIS B 214 15.15 -7.60 21.33
C HIS B 214 16.19 -6.78 20.57
N ASN B 215 16.67 -5.70 21.21
CA ASN B 215 17.53 -4.72 20.56
C ASN B 215 16.87 -4.08 19.34
N HIS B 216 15.54 -4.13 19.26
CA HIS B 216 14.80 -3.55 18.14
C HIS B 216 15.28 -4.12 16.80
N TYR B 217 15.87 -5.30 16.79
CA TYR B 217 16.52 -5.81 15.58
C TYR B 217 16.54 -7.32 15.59
N THR B 218 16.27 -7.91 14.42
CA THR B 218 16.45 -9.34 14.19
C THR B 218 16.82 -9.53 12.74
N GLN B 219 17.32 -10.72 12.43
CA GLN B 219 17.90 -10.99 11.12
C GLN B 219 17.72 -12.46 10.75
N LYS B 220 17.18 -12.72 9.56
CA LYS B 220 17.01 -14.06 9.05
C LYS B 220 17.79 -14.23 7.75
N HIS B 221 18.43 -15.38 7.59
CA HIS B 221 19.35 -15.63 6.49
C HIS B 221 18.73 -16.55 5.44
N LEU B 222 19.36 -16.58 4.27
CA LEU B 222 18.88 -17.39 3.15
C LEU B 222 20.06 -17.66 2.22
N GLU B 223 20.35 -18.92 1.94
CA GLU B 223 21.47 -19.23 1.06
C GLU B 223 21.29 -20.61 0.43
N TYR B 224 21.89 -20.77 -0.75
CA TYR B 224 21.80 -22.01 -1.50
C TYR B 224 22.70 -23.08 -0.88
N GLN B 225 22.37 -24.34 -1.17
CA GLN B 225 23.19 -25.48 -0.74
C GLN B 225 23.36 -26.43 -1.93
N TRP B 226 24.60 -26.67 -2.32
CA TRP B 226 24.89 -27.55 -3.44
C TRP B 226 24.74 -29.01 -3.04
C1 NAG C . -17.33 14.89 4.54
C2 NAG C . -16.02 15.47 3.99
C3 NAG C . -15.72 14.87 2.62
C4 NAG C . -15.71 13.35 2.71
C5 NAG C . -17.03 12.85 3.30
C6 NAG C . -17.04 11.36 3.50
C7 NAG C . -15.50 17.76 4.78
C8 NAG C . -14.72 17.14 5.90
N2 NAG C . -16.09 16.92 3.91
O3 NAG C . -14.46 15.34 2.18
O4 NAG C . -15.55 12.79 1.39
O5 NAG C . -17.24 13.46 4.59
O6 NAG C . -17.06 11.00 4.88
O7 NAG C . -15.59 18.98 4.65
H2 NAG C . -15.30 15.22 4.59
H3 NAG C . -16.41 15.16 1.99
H4 NAG C . -14.97 13.06 3.27
H5 NAG C . -17.76 13.10 2.70
H61 NAG C . -16.26 10.96 3.07
H62 NAG C . -17.85 11.00 3.08
H81 NAG C . -14.34 17.84 6.45
H82 NAG C . -14.00 16.59 5.52
H83 NAG C . -15.30 16.58 6.43
HN2 NAG C . -16.56 17.28 3.23
HO3 NAG C . -14.30 15.05 1.35
C1 NAG C . -14.17 12.45 1.17
C2 NAG C . -14.12 11.23 0.23
C3 NAG C . -12.67 10.88 -0.12
C4 NAG C . -11.89 12.10 -0.59
C5 NAG C . -12.07 13.26 0.39
C6 NAG C . -11.45 14.55 -0.08
C7 NAG C . -15.91 9.56 0.33
C8 NAG C . -16.47 8.39 1.09
N2 NAG C . -14.80 10.10 0.83
O3 NAG C . -12.68 9.89 -1.13
O4 NAG C . -10.50 11.81 -0.66
O5 NAG C . -13.47 13.53 0.59
O6 NAG C . -11.48 15.53 0.94
O7 NAG C . -16.45 9.98 -0.68
H2 NAG C . -14.58 11.47 -0.60
H3 NAG C . -12.24 10.51 0.68
H4 NAG C . -12.22 12.37 -1.47
H5 NAG C . -11.68 13.01 1.25
H61 NAG C . -11.93 14.87 -0.86
H62 NAG C . -10.52 14.38 -0.33
H81 NAG C . -17.27 8.07 0.65
H82 NAG C . -16.68 8.67 2.00
H83 NAG C . -15.81 7.67 1.12
HN2 NAG C . -14.44 9.74 1.59
HO3 NAG C . -11.97 9.36 -1.05
HO6 NAG C . -11.11 16.28 0.64
C1 BMA C . -10.15 11.09 -1.88
C2 BMA C . -8.75 11.55 -2.37
C3 BMA C . -8.36 10.73 -3.61
C4 BMA C . -8.47 9.23 -3.33
C5 BMA C . -9.87 8.90 -2.81
C6 BMA C . -10.02 7.46 -2.43
O2 BMA C . -7.76 11.32 -1.38
O3 BMA C . -7.03 10.99 -4.04
O4 BMA C . -8.22 8.50 -4.52
O5 BMA C . -10.14 9.69 -1.64
O6 BMA C . -11.39 7.18 -2.46
H2 BMA C . -8.80 12.63 -2.63
H3 BMA C . -9.01 10.97 -4.45
H4 BMA C . -7.75 8.97 -2.54
H5 BMA C . -10.61 9.13 -3.60
H61 BMA C . -9.59 7.31 -1.42
H62 BMA C . -9.45 6.86 -3.14
HO2 BMA C . -6.93 11.22 -1.87
HO4 BMA C . -7.57 9.02 -5.01
C1 MAN C . -11.61 5.77 -2.32
C2 MAN C . -13.12 5.60 -2.38
C3 MAN C . -13.75 6.24 -1.14
C4 MAN C . -13.10 5.70 0.14
C5 MAN C . -11.59 5.96 0.07
C6 MAN C . -10.84 5.41 1.27
O2 MAN C . -13.49 4.23 -2.32
O3 MAN C . -15.17 6.07 -1.10
O4 MAN C . -13.64 6.34 1.28
O5 MAN C . -11.06 5.30 -1.11
O6 MAN C . -9.81 6.34 1.59
H2 MAN C . -13.51 6.07 -3.29
H3 MAN C . -13.58 7.32 -1.17
H4 MAN C . -13.27 4.62 0.18
H5 MAN C . -11.42 7.03 0.01
H61 MAN C . -10.42 4.42 1.01
H62 MAN C . -11.55 5.28 2.08
HO3 MAN C . -15.33 5.16 -1.39
HO4 MAN C . -13.69 5.66 1.96
HO6 MAN C . -9.35 6.01 2.37
C1 NAG C . -13.54 3.71 -3.65
C2 NAG C . -13.26 2.20 -3.55
C3 NAG C . -13.42 1.53 -4.91
C4 NAG C . -14.77 1.88 -5.52
C5 NAG C . -14.94 3.39 -5.57
C6 NAG C . -16.28 3.82 -6.10
C7 NAG C . -11.62 1.94 -1.73
C8 NAG C . -10.18 1.70 -1.37
N2 NAG C . -11.91 1.98 -3.04
O3 NAG C . -13.32 0.11 -4.74
O4 NAG C . -14.86 1.34 -6.84
O5 NAG C . -14.81 3.91 -4.24
O6 NAG C . -17.13 4.23 -5.04
O7 NAG C . -12.47 2.11 -0.87
H2 NAG C . -13.90 1.81 -2.93
H3 NAG C . -12.71 1.83 -5.51
H4 NAG C . -15.48 1.50 -4.97
H5 NAG C . -14.23 3.77 -6.13
H61 NAG C . -16.69 3.08 -6.57
H62 NAG C . -16.15 4.58 -6.71
H81 NAG C . -10.08 1.71 -0.41
H82 NAG C . -9.64 2.42 -1.77
H83 NAG C . -9.90 0.84 -1.74
HN2 NAG C . -11.23 1.85 -3.63
HO3 NAG C . -14.12 -0.21 -4.54
HO4 NAG C . -15.65 0.94 -6.93
HO6 NAG C . -16.65 4.44 -4.33
C1 MAN C . -6.96 12.15 -4.88
C2 MAN C . -6.16 11.78 -6.14
C3 MAN C . -4.72 11.43 -5.76
C4 MAN C . -4.10 12.46 -4.77
C5 MAN C . -5.08 12.80 -3.62
C6 MAN C . -4.62 13.95 -2.77
O2 MAN C . -6.06 12.89 -7.05
O3 MAN C . -3.89 11.29 -6.91
O4 MAN C . -2.90 11.92 -4.23
O5 MAN C . -6.35 13.17 -4.18
O6 MAN C . -5.57 15.00 -2.93
H2 MAN C . -6.64 10.92 -6.63
H3 MAN C . -4.72 10.44 -5.27
H4 MAN C . -3.90 13.38 -5.33
H5 MAN C . -5.19 11.92 -2.98
H61 MAN C . -3.61 14.26 -3.10
H62 MAN C . -4.56 13.60 -1.73
HO2 MAN C . -5.28 12.77 -7.61
HO3 MAN C . -3.04 10.98 -6.58
HO4 MAN C . -2.53 12.64 -3.69
HO6 MAN C . -6.20 14.73 -3.61
C1 FUC C . -15.71 10.75 5.34
C2 FUC C . -15.80 10.41 6.84
C3 FUC C . -14.70 9.43 7.27
C4 FUC C . -13.44 9.68 6.44
C5 FUC C . -13.73 9.37 4.97
C6 FUC C . -12.81 10.12 4.00
O2 FUC C . -17.08 9.91 7.20
O3 FUC C . -14.36 9.61 8.63
O4 FUC C . -13.01 11.02 6.59
O5 FUC C . -15.10 9.71 4.61
H2 FUC C . -15.66 11.33 7.41
H3 FUC C . -15.05 8.40 7.09
H4 FUC C . -12.65 8.98 6.77
H5 FUC C . -13.60 8.29 4.83
H61 FUC C . -13.08 9.87 2.97
H62 FUC C . -11.77 9.85 4.19
H63 FUC C . -12.92 11.20 4.15
HO2 FUC C . -17.66 10.12 6.45
HO3 FUC C . -13.70 8.93 8.84
HO4 FUC C . -12.05 11.00 6.43
C1 NAG D . 0.33 24.15 -3.18
C2 NAG D . -0.77 23.37 -2.48
C3 NAG D . -0.18 22.18 -1.74
C4 NAG D . 0.66 21.33 -2.68
C5 NAG D . 1.67 22.19 -3.45
C6 NAG D . 2.38 21.42 -4.55
C7 NAG D . -2.38 25.18 -1.96
C8 NAG D . -2.57 25.34 -3.44
N2 NAG D . -1.52 24.23 -1.57
O3 NAG D . -1.23 21.40 -1.19
O4 NAG D . 1.40 20.38 -1.92
O5 NAG D . 1.00 23.29 -4.09
O6 NAG D . 3.16 20.36 -4.03
O7 NAG D . -2.98 25.88 -1.15
H2 NAG D . -1.39 23.03 -3.16
H3 NAG D . 0.39 22.51 -1.01
H4 NAG D . 0.08 20.87 -3.31
H5 NAG D . 2.33 22.54 -2.82
H61 NAG D . 2.96 22.04 -5.03
H62 NAG D . 1.71 21.07 -5.16
H81 NAG D . -3.22 26.05 -3.61
H82 NAG D . -2.91 24.49 -3.81
H83 NAG D . -1.72 25.56 -3.86
HN2 NAG D . -1.39 24.12 -0.67
HO3 NAG D . -0.94 20.95 -0.49
HO6 NAG D . 2.78 20.05 -3.30
C1 NAG D . 0.64 19.17 -1.69
C2 NAG D . 1.30 18.45 -0.50
C3 NAG D . 0.53 17.17 -0.16
C4 NAG D . -0.95 17.48 0.04
C5 NAG D . -1.50 18.25 -1.16
C6 NAG D . -2.93 18.68 -0.98
C7 NAG D . 3.69 19.00 -0.54
C8 NAG D . 5.07 18.51 -0.90
N2 NAG D . 2.69 18.14 -0.79
O3 NAG D . 1.09 16.61 1.02
O4 NAG D . -1.71 16.28 0.17
O5 NAG D . -0.72 19.43 -1.38
O6 NAG D . -3.02 19.99 -0.44
O7 NAG D . 3.50 20.10 -0.05
H2 NAG D . 1.27 19.04 0.27
H3 NAG D . 0.63 16.54 -0.90
H4 NAG D . -1.06 18.01 0.84
H5 NAG D . -1.44 17.68 -1.96
H61 NAG D . -3.38 18.05 -0.38
H62 NAG D . -3.38 18.67 -1.86
H81 NAG D . 5.72 19.20 -0.68
H82 NAG D . 5.11 18.31 -1.85
H83 NAG D . 5.27 17.70 -0.39
HN2 NAG D . 2.89 17.33 -1.15
HO3 NAG D . 1.39 15.80 0.84
HO6 NAG D . -2.83 20.58 -1.07
C1 BMA D . -1.38 15.55 1.37
C2 BMA D . -2.63 14.78 1.85
C3 BMA D . -2.26 13.84 2.99
C4 BMA D . -1.00 12.99 2.65
C5 BMA D . 0.16 13.92 2.22
C6 BMA D . 1.40 13.16 1.75
O2 BMA D . -3.14 13.98 0.80
O3 BMA D . -3.37 12.98 3.33
O4 BMA D . -0.60 12.23 3.78
O5 BMA D . -0.28 14.69 1.11
O6 BMA D . 2.58 13.72 2.36
H2 BMA D . -3.38 15.51 2.19
H3 BMA D . -2.05 14.42 3.90
H4 BMA D . -1.25 12.34 1.80
H5 BMA D . 0.44 14.58 3.05
H61 BMA D . 1.44 13.22 0.65
H62 BMA D . 1.26 12.10 2.03
HO2 BMA D . -3.66 13.27 1.23
HO4 BMA D . -0.23 11.41 3.42
C1 MAN D . -3.93 13.35 4.60
C2 MAN D . -4.87 12.21 5.08
C3 MAN D . -6.13 12.17 4.21
C4 MAN D . -6.81 13.55 4.16
C5 MAN D . -5.82 14.63 3.70
C6 MAN D . -6.40 16.03 3.81
O2 MAN D . -5.33 12.42 6.42
O3 MAN D . -7.05 11.19 4.66
O4 MAN D . -7.91 13.51 3.25
O5 MAN D . -4.62 14.61 4.53
O6 MAN D . -5.42 16.97 3.37
H2 MAN D . -4.33 11.26 4.98
H3 MAN D . -5.85 11.89 3.19
H4 MAN D . -7.15 13.81 5.18
H5 MAN D . -5.55 14.45 2.66
H61 MAN D . -6.68 16.22 4.86
H62 MAN D . -7.31 16.07 3.20
HO2 MAN D . -6.16 11.94 6.54
HO3 MAN D . -7.90 11.40 4.24
HO4 MAN D . -8.41 14.33 3.42
HO6 MAN D . -5.25 17.58 4.09
C1 MAN D . 3.63 13.99 1.41
C2 MAN D . 4.09 12.68 0.67
C3 MAN D . 4.91 11.79 1.62
C4 MAN D . 6.06 12.59 2.22
C5 MAN D . 5.49 13.79 2.98
C6 MAN D . 6.55 14.65 3.66
O2 MAN D . 4.95 12.98 -0.43
O3 MAN D . 5.40 10.63 0.96
O4 MAN D . 6.82 11.76 3.10
O5 MAN D . 4.74 14.62 2.06
O6 MAN D . 7.07 13.93 4.77
H2 MAN D . 3.20 12.12 0.34
H3 MAN D . 4.27 11.45 2.43
H4 MAN D . 6.70 12.97 1.40
H5 MAN D . 4.82 13.40 3.76
H61 MAN D . 6.07 15.59 3.98
H62 MAN D . 7.32 14.88 2.91
HO2 MAN D . 5.43 12.18 -0.67
HO3 MAN D . 6.00 10.21 1.60
HO4 MAN D . 6.67 12.13 3.99
HO6 MAN D . 6.33 13.69 5.34
#